data_3QIV
#
_entry.id   3QIV
#
_cell.length_a   59.440
_cell.length_b   90.070
_cell.length_c   92.255
_cell.angle_alpha   90.000
_cell.angle_beta   90.000
_cell.angle_gamma   90.000
#
_symmetry.space_group_name_H-M   'P 21 2 21'
#
loop_
_entity.id
_entity.type
_entity.pdbx_description
1 polymer 'short-chain dehydrogenase or 3-oxoacyl-[acyl-carrier-protein] reductase'
2 water water
#
_entity_poly.entity_id   1
_entity_poly.type   'polypeptide(L)'
_entity_poly.pdbx_seq_one_letter_code
;GPGSMRFENKVGIVTGSGGGIGQAYAEALAREGAAVVVADINAEAAEAVAKQIVADGGTAISVAVDVSDPESAKAMADRT
LAEFGGIDYLVNNAAIFGGMKLDFLLTIDPEYYKKFMSVNLDGALWCTRAVYKKMTKRGGGAIVNQSSTAAWLYSNYYGL
AKVGINGLTQQLSRELGGRNIRINAIAPGPIDTEANRTTTPKEMVDDIVKGLPLSRMGTPDDLVGMCLFLLSDEASWITG
QIFNVDGGQIIRS
;
_entity_poly.pdbx_strand_id   A,B
#
# COMPACT_ATOMS: atom_id res chain seq x y z
N MET A 5 0.34 -1.55 22.50
CA MET A 5 1.74 -2.00 22.77
C MET A 5 2.20 -3.02 21.73
N ARG A 6 2.01 -2.67 20.46
CA ARG A 6 2.38 -3.53 19.34
C ARG A 6 3.88 -3.82 19.27
N PHE A 7 4.70 -2.86 19.73
CA PHE A 7 6.14 -2.91 19.51
C PHE A 7 6.93 -3.17 20.79
N GLU A 8 6.31 -3.88 21.73
CA GLU A 8 6.94 -4.18 23.01
C GLU A 8 8.23 -4.98 22.79
N ASN A 9 9.32 -4.52 23.41
CA ASN A 9 10.64 -5.15 23.29
C ASN A 9 11.21 -5.13 21.86
N LYS A 10 10.71 -4.23 21.02
CA LYS A 10 11.25 -4.04 19.67
C LYS A 10 12.20 -2.85 19.73
N VAL A 11 12.99 -2.71 18.68
CA VAL A 11 13.97 -1.63 18.59
C VAL A 11 13.87 -0.92 17.25
N GLY A 12 13.61 0.38 17.29
CA GLY A 12 13.41 1.18 16.08
C GLY A 12 14.30 2.40 16.07
N ILE A 13 14.83 2.71 14.88
CA ILE A 13 15.62 3.91 14.64
C ILE A 13 14.78 4.86 13.77
N VAL A 14 14.69 6.12 14.18
CA VAL A 14 14.03 7.14 13.36
C VAL A 14 15.02 8.26 13.07
N THR A 15 15.39 8.43 11.80
CA THR A 15 16.27 9.54 11.41
C THR A 15 15.41 10.80 11.22
N GLY A 16 16.01 11.97 11.41
CA GLY A 16 15.27 13.24 11.36
C GLY A 16 14.20 13.36 12.43
N SER A 17 14.44 12.74 13.58
CA SER A 17 13.42 12.67 14.65
C SER A 17 13.60 13.74 15.73
N GLY A 18 14.51 14.69 15.49
CA GLY A 18 14.69 15.83 16.40
C GLY A 18 13.54 16.82 16.37
N GLY A 19 12.65 16.68 15.40
CA GLY A 19 11.48 17.56 15.28
C GLY A 19 10.53 17.09 14.21
N GLY A 20 9.41 17.80 14.07
CA GLY A 20 8.44 17.52 13.03
C GLY A 20 7.84 16.12 13.11
N ILE A 21 7.51 15.57 11.95
CA ILE A 21 6.84 14.28 11.87
C ILE A 21 7.74 13.13 12.34
N GLY A 22 9.05 13.29 12.17
CA GLY A 22 10.02 12.33 12.68
C GLY A 22 9.93 12.18 14.18
N GLN A 23 9.79 13.31 14.88
CA GLN A 23 9.61 13.30 16.33
C GLN A 23 8.34 12.54 16.71
N ALA A 24 7.24 12.80 15.99
CA ALA A 24 5.98 12.10 16.25
C ALA A 24 6.08 10.59 15.97
N TYR A 25 6.86 10.20 14.96
CA TYR A 25 7.13 8.78 14.72
C TYR A 25 7.89 8.17 15.89
N ALA A 26 8.97 8.83 16.32
CA ALA A 26 9.76 8.37 17.45
C ALA A 26 8.89 8.18 18.69
N GLU A 27 8.16 9.24 19.05
CA GLU A 27 7.32 9.24 20.24
C GLU A 27 6.23 8.16 20.20
N ALA A 28 5.60 8.00 19.04
CA ALA A 28 4.55 6.99 18.88
C ALA A 28 5.11 5.57 19.11
N LEU A 29 6.28 5.29 18.52
CA LEU A 29 6.93 3.99 18.69
C LEU A 29 7.21 3.69 20.15
N ALA A 30 7.77 4.67 20.87
CA ALA A 30 8.06 4.56 22.29
C ALA A 30 6.79 4.42 23.12
N ARG A 31 5.74 5.12 22.71
CA ARG A 31 4.42 5.00 23.36
C ARG A 31 3.89 3.57 23.28
N GLU A 32 4.24 2.85 22.22
CA GLU A 32 3.77 1.46 22.03
C GLU A 32 4.83 0.41 22.38
N GLY A 33 5.84 0.81 23.17
CA GLY A 33 6.73 -0.15 23.84
C GLY A 33 8.11 -0.37 23.26
N ALA A 34 8.38 0.22 22.09
CA ALA A 34 9.67 0.04 21.42
C ALA A 34 10.78 0.89 22.08
N ALA A 35 11.99 0.34 22.12
CA ALA A 35 13.18 1.13 22.40
C ALA A 35 13.51 1.95 21.15
N VAL A 36 13.48 3.28 21.27
CA VAL A 36 13.64 4.15 20.10
C VAL A 36 14.98 4.88 20.11
N VAL A 37 15.69 4.85 18.98
CA VAL A 37 16.88 5.66 18.78
C VAL A 37 16.52 6.93 18.01
N VAL A 38 16.65 8.07 18.69
CA VAL A 38 16.25 9.35 18.15
C VAL A 38 17.44 9.95 17.42
N ALA A 39 17.50 9.75 16.11
CA ALA A 39 18.66 10.13 15.29
C ALA A 39 18.38 11.41 14.53
N ASP A 40 19.27 12.39 14.69
CA ASP A 40 19.13 13.67 13.99
C ASP A 40 20.49 14.28 13.76
N ILE A 41 20.60 15.12 12.73
CA ILE A 41 21.81 15.89 12.48
C ILE A 41 22.03 16.89 13.61
N ASN A 42 20.93 17.33 14.22
CA ASN A 42 20.97 18.20 15.40
C ASN A 42 20.96 17.37 16.69
N ALA A 43 22.09 17.37 17.39
CA ALA A 43 22.26 16.56 18.60
C ALA A 43 21.36 17.02 19.75
N GLU A 44 21.30 18.34 19.96
CA GLU A 44 20.56 18.92 21.07
C GLU A 44 19.05 18.67 20.94
N ALA A 45 18.52 18.83 19.73
CA ALA A 45 17.11 18.56 19.47
C ALA A 45 16.79 17.09 19.70
N ALA A 46 17.65 16.22 19.18
CA ALA A 46 17.49 14.77 19.37
C ALA A 46 17.52 14.39 20.85
N GLU A 47 18.43 14.98 21.61
CA GLU A 47 18.51 14.71 23.05
C GLU A 47 17.26 15.20 23.78
N ALA A 48 16.77 16.37 23.38
CA ALA A 48 15.54 16.92 23.96
C ALA A 48 14.33 15.98 23.77
N VAL A 49 14.16 15.44 22.57
CA VAL A 49 13.05 14.51 22.31
C VAL A 49 13.22 13.19 23.04
N ALA A 50 14.45 12.65 23.06
CA ALA A 50 14.76 11.44 23.82
C ALA A 50 14.48 11.60 25.32
N LYS A 51 14.84 12.76 25.87
CA LYS A 51 14.66 13.03 27.31
C LYS A 51 13.18 13.04 27.70
N GLN A 52 12.34 13.64 26.85
CA GLN A 52 10.90 13.67 27.07
C GLN A 52 10.27 12.28 26.95
N ILE A 53 10.73 11.50 25.98
CA ILE A 53 10.25 10.12 25.82
C ILE A 53 10.53 9.31 27.09
N VAL A 54 11.75 9.43 27.62
CA VAL A 54 12.14 8.74 28.85
C VAL A 54 11.33 9.24 30.05
N ALA A 55 11.14 10.55 30.14
CA ALA A 55 10.31 11.13 31.21
C ALA A 55 8.85 10.69 31.14
N ASP A 56 8.40 10.30 29.94
CA ASP A 56 7.03 9.88 29.73
C ASP A 56 6.84 8.37 29.97
N GLY A 57 7.91 7.68 30.38
CA GLY A 57 7.86 6.25 30.66
C GLY A 57 8.26 5.37 29.48
N GLY A 58 8.96 5.97 28.52
CA GLY A 58 9.42 5.24 27.34
C GLY A 58 10.88 4.86 27.44
N THR A 59 11.38 4.19 26.40
CA THR A 59 12.79 3.86 26.29
C THR A 59 13.34 4.52 25.05
N ALA A 60 14.33 5.40 25.22
CA ALA A 60 14.92 6.09 24.09
C ALA A 60 16.30 6.64 24.40
N ILE A 61 17.14 6.70 23.36
CA ILE A 61 18.36 7.48 23.39
C ILE A 61 18.43 8.34 22.14
N SER A 62 19.31 9.34 22.17
CA SER A 62 19.53 10.22 21.04
C SER A 62 20.89 9.91 20.44
N VAL A 63 21.00 10.16 19.14
CA VAL A 63 22.29 10.02 18.47
C VAL A 63 22.38 10.99 17.29
N ALA A 64 23.56 11.58 17.13
CA ALA A 64 23.84 12.50 16.03
C ALA A 64 24.21 11.67 14.82
N VAL A 65 23.56 11.92 13.69
CA VAL A 65 23.87 11.22 12.46
C VAL A 65 23.87 12.17 11.28
N ASP A 66 24.86 12.02 10.39
CA ASP A 66 24.81 12.63 9.06
C ASP A 66 24.46 11.51 8.08
N VAL A 67 23.19 11.49 7.71
CA VAL A 67 22.61 10.47 6.86
C VAL A 67 23.25 10.40 5.45
N SER A 68 23.89 11.49 5.02
CA SER A 68 24.60 11.50 3.74
C SER A 68 25.96 10.81 3.80
N ASP A 69 26.40 10.47 5.01
CA ASP A 69 27.71 9.87 5.25
C ASP A 69 27.52 8.40 5.67
N PRO A 70 27.94 7.45 4.81
CA PRO A 70 27.76 6.02 5.11
C PRO A 70 28.34 5.56 6.47
N GLU A 71 29.44 6.19 6.89
CA GLU A 71 30.09 5.83 8.15
C GLU A 71 29.34 6.36 9.36
N SER A 72 28.74 7.54 9.23
CA SER A 72 27.90 8.09 10.29
C SER A 72 26.63 7.24 10.48
N ALA A 73 26.08 6.71 9.38
CA ALA A 73 24.95 5.80 9.42
C ALA A 73 25.35 4.49 10.11
N LYS A 74 26.51 3.95 9.73
CA LYS A 74 27.05 2.74 10.37
C LYS A 74 27.18 2.92 11.89
N ALA A 75 27.77 4.04 12.30
CA ALA A 75 27.96 4.36 13.73
C ALA A 75 26.62 4.44 14.46
N MET A 76 25.62 4.99 13.81
CA MET A 76 24.25 5.02 14.35
C MET A 76 23.74 3.61 14.61
N ALA A 77 23.93 2.72 13.63
CA ALA A 77 23.49 1.33 13.76
C ALA A 77 24.24 0.60 14.88
N ASP A 78 25.57 0.76 14.93
CA ASP A 78 26.38 0.10 15.96
C ASP A 78 26.05 0.58 17.38
N ARG A 79 25.72 1.86 17.51
CA ARG A 79 25.26 2.43 18.78
C ARG A 79 23.95 1.80 19.22
N THR A 80 23.03 1.61 18.28
CA THR A 80 21.75 0.99 18.55
C THR A 80 21.94 -0.46 19.05
N LEU A 81 22.81 -1.21 18.37
CA LEU A 81 23.17 -2.57 18.81
C LEU A 81 23.69 -2.56 20.24
N ALA A 82 24.68 -1.72 20.49
CA ALA A 82 25.34 -1.66 21.79
C ALA A 82 24.36 -1.28 22.89
N GLU A 83 23.43 -0.38 22.58
CA GLU A 83 22.49 0.13 23.56
C GLU A 83 21.29 -0.79 23.78
N PHE A 84 20.79 -1.40 22.71
CA PHE A 84 19.54 -2.16 22.78
C PHE A 84 19.60 -3.62 22.32
N GLY A 85 20.76 -4.05 21.81
CA GLY A 85 20.98 -5.46 21.48
C GLY A 85 20.52 -5.92 20.10
N GLY A 86 19.86 -5.05 19.33
CA GLY A 86 19.37 -5.42 18.01
C GLY A 86 18.65 -4.28 17.33
N ILE A 87 18.22 -4.50 16.09
CA ILE A 87 17.48 -3.50 15.31
C ILE A 87 16.34 -4.17 14.55
N ASP A 88 15.11 -3.75 14.82
CA ASP A 88 13.93 -4.28 14.15
C ASP A 88 13.40 -3.35 13.06
N TYR A 89 13.45 -2.05 13.32
CA TYR A 89 12.81 -1.07 12.44
C TYR A 89 13.71 0.13 12.15
N LEU A 90 13.52 0.70 10.96
CA LEU A 90 14.22 1.91 10.56
C LEU A 90 13.22 2.79 9.82
N VAL A 91 13.09 4.03 10.28
CA VAL A 91 12.28 5.02 9.58
C VAL A 91 13.23 6.08 9.03
N ASN A 92 13.37 6.12 7.71
CA ASN A 92 14.22 7.11 7.04
C ASN A 92 13.44 8.39 6.80
N ASN A 93 13.44 9.28 7.78
CA ASN A 93 12.71 10.55 7.70
C ASN A 93 13.61 11.78 7.55
N ALA A 94 14.90 11.62 7.82
CA ALA A 94 15.87 12.72 7.69
C ALA A 94 15.79 13.35 6.30
N ALA A 95 15.76 14.68 6.25
CA ALA A 95 15.65 15.40 4.99
C ALA A 95 16.15 16.84 5.12
N ILE A 96 16.57 17.42 3.99
CA ILE A 96 16.92 18.84 3.92
C ILE A 96 15.76 19.57 3.26
N PHE A 97 15.17 20.52 3.97
CA PHE A 97 14.07 21.34 3.44
C PHE A 97 14.66 22.60 2.80
N GLY A 98 14.57 22.66 1.46
CA GLY A 98 15.17 23.74 0.69
C GLY A 98 14.18 24.79 0.23
N GLY A 99 12.99 24.35 -0.17
CA GLY A 99 11.92 25.25 -0.59
C GLY A 99 12.30 26.08 -1.81
N MET A 100 12.29 27.40 -1.65
CA MET A 100 12.51 28.30 -2.78
C MET A 100 13.98 28.42 -3.21
N LYS A 101 14.92 27.92 -2.40
CA LYS A 101 16.33 27.95 -2.77
C LYS A 101 16.59 27.21 -4.09
N LEU A 102 15.90 26.09 -4.29
CA LEU A 102 16.05 25.28 -5.51
C LEU A 102 15.41 25.93 -6.74
N ASP A 103 14.77 27.08 -6.59
CA ASP A 103 14.30 27.86 -7.74
C ASP A 103 15.43 28.71 -8.34
N PHE A 104 16.63 28.64 -7.76
CA PHE A 104 17.76 29.47 -8.20
C PHE A 104 19.02 28.61 -8.33
N LEU A 105 18.91 27.58 -9.16
CA LEU A 105 19.99 26.61 -9.36
C LEU A 105 21.26 27.22 -9.96
N LEU A 106 21.11 28.27 -10.76
CA LEU A 106 22.26 28.95 -11.35
C LEU A 106 23.19 29.56 -10.30
N THR A 107 22.63 30.02 -9.19
CA THR A 107 23.38 30.72 -8.15
C THR A 107 23.43 30.02 -6.79
N ILE A 108 22.73 28.90 -6.64
CA ILE A 108 22.71 28.17 -5.36
C ILE A 108 24.11 27.72 -4.95
N ASP A 109 24.41 27.77 -3.65
CA ASP A 109 25.71 27.31 -3.16
C ASP A 109 25.92 25.84 -3.50
N PRO A 110 27.05 25.50 -4.15
CA PRO A 110 27.27 24.11 -4.56
C PRO A 110 27.22 23.10 -3.43
N GLU A 111 27.85 23.41 -2.30
CA GLU A 111 27.89 22.49 -1.17
C GLU A 111 26.50 22.29 -0.56
N TYR A 112 25.70 23.35 -0.51
CA TYR A 112 24.31 23.22 -0.08
C TYR A 112 23.53 22.29 -1.01
N TYR A 113 23.67 22.50 -2.31
CA TYR A 113 22.96 21.69 -3.29
C TYR A 113 23.35 20.20 -3.21
N LYS A 114 24.65 19.95 -3.07
CA LYS A 114 25.15 18.57 -2.96
C LYS A 114 24.63 17.87 -1.71
N LYS A 115 24.58 18.60 -0.59
CA LYS A 115 24.14 18.03 0.67
C LYS A 115 22.65 17.76 0.61
N PHE A 116 21.91 18.70 0.03
CA PHE A 116 20.47 18.56 -0.18
C PHE A 116 20.16 17.30 -1.00
N MET A 117 20.84 17.14 -2.12
CA MET A 117 20.61 15.98 -3.00
C MET A 117 21.05 14.69 -2.32
N SER A 118 22.20 14.72 -1.66
CA SER A 118 22.72 13.54 -1.01
C SER A 118 21.83 13.05 0.14
N VAL A 119 21.43 13.96 1.03
CA VAL A 119 20.56 13.56 2.14
C VAL A 119 19.22 13.05 1.61
N ASN A 120 18.58 13.83 0.75
CA ASN A 120 17.23 13.49 0.30
C ASN A 120 17.14 12.25 -0.60
N LEU A 121 18.17 11.98 -1.40
CA LEU A 121 18.13 10.84 -2.34
C LEU A 121 18.84 9.57 -1.84
N ASP A 122 19.96 9.73 -1.16
CA ASP A 122 20.81 8.61 -0.77
C ASP A 122 20.77 8.31 0.73
N GLY A 123 20.19 9.22 1.50
CA GLY A 123 20.11 9.03 2.95
C GLY A 123 19.52 7.69 3.34
N ALA A 124 18.40 7.36 2.72
CA ALA A 124 17.71 6.09 3.00
C ALA A 124 18.57 4.89 2.60
N LEU A 125 19.39 5.06 1.55
CA LEU A 125 20.27 3.99 1.09
C LEU A 125 21.35 3.67 2.12
N TRP A 126 22.05 4.69 2.60
CA TRP A 126 23.15 4.47 3.54
C TRP A 126 22.65 3.90 4.87
N CYS A 127 21.52 4.41 5.35
CA CYS A 127 20.93 3.91 6.60
C CYS A 127 20.39 2.49 6.48
N THR A 128 19.80 2.17 5.32
CA THR A 128 19.33 0.81 5.04
C THR A 128 20.51 -0.17 5.03
N ARG A 129 21.60 0.19 4.35
CA ARG A 129 22.82 -0.62 4.31
C ARG A 129 23.40 -0.84 5.71
N ALA A 130 23.27 0.18 6.57
CA ALA A 130 23.80 0.12 7.93
C ALA A 130 23.01 -0.83 8.87
N VAL A 131 21.73 -1.09 8.55
CA VAL A 131 20.89 -1.90 9.45
C VAL A 131 20.50 -3.29 8.95
N TYR A 132 20.52 -3.54 7.63
CA TYR A 132 19.84 -4.73 7.08
C TYR A 132 20.41 -6.09 7.51
N LYS A 133 21.73 -6.16 7.70
CA LYS A 133 22.38 -7.41 8.17
C LYS A 133 22.07 -7.69 9.65
N LYS A 134 21.90 -6.63 10.42
CA LYS A 134 21.52 -6.72 11.84
C LYS A 134 20.07 -7.17 11.98
N MET A 135 19.20 -6.61 11.15
CA MET A 135 17.79 -7.04 11.07
C MET A 135 17.68 -8.50 10.68
N THR A 136 18.48 -8.91 9.70
CA THR A 136 18.47 -10.29 9.20
C THR A 136 18.72 -11.24 10.35
N LYS A 137 19.69 -10.88 11.18
CA LYS A 137 20.06 -11.61 12.39
C LYS A 137 18.92 -11.66 13.44
N ARG A 138 18.03 -10.67 13.42
CA ARG A 138 16.83 -10.67 14.28
C ARG A 138 15.72 -11.60 13.80
N GLY A 139 15.83 -12.10 12.58
CA GLY A 139 14.77 -12.90 11.96
C GLY A 139 13.91 -12.08 11.02
N GLY A 140 14.23 -10.79 10.86
CA GLY A 140 13.50 -9.92 9.95
C GLY A 140 13.43 -8.49 10.42
N GLY A 141 12.72 -7.67 9.66
CA GLY A 141 12.53 -6.28 10.03
C GLY A 141 11.72 -5.51 9.01
N ALA A 142 11.53 -4.22 9.28
CA ALA A 142 10.73 -3.37 8.42
C ALA A 142 11.34 -1.96 8.37
N ILE A 143 11.30 -1.37 7.19
CA ILE A 143 11.84 -0.04 6.95
C ILE A 143 10.78 0.80 6.24
N VAL A 144 10.70 2.07 6.61
CA VAL A 144 9.83 3.03 5.94
C VAL A 144 10.67 4.21 5.44
N ASN A 145 10.55 4.51 4.15
CA ASN A 145 11.19 5.67 3.56
C ASN A 145 10.18 6.80 3.39
N GLN A 146 10.49 7.97 3.94
CA GLN A 146 9.62 9.13 3.83
C GLN A 146 10.11 10.00 2.69
N SER A 147 9.36 10.02 1.59
CA SER A 147 9.71 10.84 0.43
C SER A 147 9.37 12.31 0.68
N SER A 148 10.40 13.12 0.93
CA SER A 148 10.26 14.58 0.92
C SER A 148 9.29 15.11 1.99
N LEU A 160 8.94 15.95 -8.53
CA LEU A 160 10.11 15.33 -9.16
C LEU A 160 11.21 15.10 -8.13
N ALA A 161 12.06 14.11 -8.41
CA ALA A 161 13.14 13.68 -7.49
C ALA A 161 12.66 12.71 -6.42
N LYS A 162 11.38 12.82 -6.03
CA LYS A 162 10.72 11.84 -5.15
C LYS A 162 10.48 10.50 -5.86
N VAL A 163 10.59 10.49 -7.19
CA VAL A 163 10.66 9.24 -7.95
C VAL A 163 11.95 8.47 -7.60
N GLY A 164 12.98 9.19 -7.17
CA GLY A 164 14.23 8.61 -6.72
C GLY A 164 14.05 7.69 -5.53
N ILE A 165 13.34 8.17 -4.51
CA ILE A 165 13.03 7.36 -3.33
C ILE A 165 12.02 6.25 -3.66
N ASN A 166 11.09 6.52 -4.58
CA ASN A 166 10.17 5.50 -5.08
C ASN A 166 10.94 4.37 -5.79
N GLY A 167 11.83 4.77 -6.70
CA GLY A 167 12.69 3.83 -7.40
C GLY A 167 13.58 3.07 -6.44
N LEU A 168 14.23 3.80 -5.54
CA LEU A 168 15.10 3.22 -4.53
C LEU A 168 14.36 2.18 -3.69
N THR A 169 13.16 2.54 -3.24
CA THR A 169 12.33 1.65 -2.42
C THR A 169 11.97 0.34 -3.13
N GLN A 170 11.64 0.41 -4.41
CA GLN A 170 11.35 -0.78 -5.21
C GLN A 170 12.60 -1.66 -5.38
N GLN A 171 13.73 -1.03 -5.69
CA GLN A 171 15.01 -1.73 -5.86
C GLN A 171 15.44 -2.45 -4.58
N LEU A 172 15.49 -1.70 -3.49
CA LEU A 172 15.89 -2.27 -2.20
C LEU A 172 14.94 -3.39 -1.77
N SER A 173 13.65 -3.24 -2.06
CA SER A 173 12.68 -4.29 -1.72
C SER A 173 13.06 -5.62 -2.35
N ARG A 174 13.47 -5.59 -3.61
CA ARG A 174 13.93 -6.79 -4.30
C ARG A 174 15.25 -7.32 -3.73
N GLU A 175 16.21 -6.43 -3.50
CA GLU A 175 17.54 -6.84 -3.01
C GLU A 175 17.48 -7.43 -1.59
N LEU A 176 16.56 -6.91 -0.78
CA LEU A 176 16.37 -7.37 0.59
C LEU A 176 15.57 -8.67 0.71
N GLY A 177 15.11 -9.21 -0.41
CA GLY A 177 14.28 -10.43 -0.41
C GLY A 177 14.96 -11.61 0.27
N GLY A 178 14.18 -12.45 0.90
CA GLY A 178 14.71 -13.65 1.58
C GLY A 178 15.36 -13.36 2.93
N ARG A 179 15.15 -12.16 3.46
CA ARG A 179 15.64 -11.80 4.79
C ARG A 179 14.51 -11.51 5.75
N ASN A 180 13.27 -11.69 5.28
CA ASN A 180 12.08 -11.23 5.99
C ASN A 180 12.18 -9.75 6.35
N ILE A 181 12.69 -8.95 5.42
CA ILE A 181 12.76 -7.51 5.59
C ILE A 181 11.89 -6.83 4.55
N ARG A 182 10.95 -6.01 5.01
CA ARG A 182 10.07 -5.25 4.14
C ARG A 182 10.53 -3.79 4.12
N ILE A 183 10.32 -3.14 2.98
CA ILE A 183 10.66 -1.73 2.83
C ILE A 183 9.62 -1.05 1.95
N ASN A 184 9.09 0.06 2.45
CA ASN A 184 8.02 0.78 1.76
C ASN A 184 8.24 2.27 1.87
N ALA A 185 7.54 3.04 1.04
CA ALA A 185 7.72 4.47 1.00
C ALA A 185 6.41 5.19 1.28
N ILE A 186 6.49 6.29 2.02
CA ILE A 186 5.37 7.20 2.21
C ILE A 186 5.72 8.52 1.53
N ALA A 187 4.83 8.98 0.65
CA ALA A 187 4.98 10.27 -0.04
C ALA A 187 3.83 11.20 0.34
N PRO A 188 4.10 12.22 1.17
CA PRO A 188 3.07 13.23 1.46
C PRO A 188 2.69 14.05 0.23
N PRO A 220 -3.06 14.64 10.09
CA PRO A 220 -1.63 14.88 10.19
C PRO A 220 -0.91 13.99 11.21
N ASP A 221 -1.68 13.22 11.99
CA ASP A 221 -1.16 12.03 12.68
C ASP A 221 -1.70 10.77 11.99
N ASP A 222 -2.26 10.96 10.80
CA ASP A 222 -2.61 9.86 9.91
C ASP A 222 -1.33 9.27 9.33
N LEU A 223 -0.31 10.10 9.16
CA LEU A 223 1.03 9.64 8.80
C LEU A 223 1.56 8.67 9.85
N VAL A 224 1.49 9.09 11.12
CA VAL A 224 1.96 8.27 12.23
C VAL A 224 1.29 6.89 12.20
N GLY A 225 -0.04 6.89 12.09
CA GLY A 225 -0.78 5.65 11.97
C GLY A 225 -0.32 4.77 10.82
N MET A 226 -0.14 5.39 9.65
CA MET A 226 0.31 4.68 8.45
C MET A 226 1.74 4.13 8.62
N CYS A 227 2.63 4.96 9.17
CA CYS A 227 4.01 4.54 9.38
C CYS A 227 4.14 3.32 10.30
N LEU A 228 3.52 3.38 11.48
CA LEU A 228 3.59 2.25 12.42
C LEU A 228 2.91 1.01 11.85
N PHE A 229 1.81 1.19 11.11
CA PHE A 229 1.19 0.05 10.43
C PHE A 229 2.17 -0.62 9.46
N LEU A 230 2.87 0.19 8.67
CA LEU A 230 3.84 -0.35 7.71
C LEU A 230 5.04 -1.03 8.36
N LEU A 231 5.32 -0.71 9.63
CA LEU A 231 6.33 -1.41 10.42
C LEU A 231 5.82 -2.72 11.03
N SER A 232 4.53 -2.75 11.38
CA SER A 232 3.94 -3.90 12.08
C SER A 232 3.80 -5.15 11.22
N ASP A 233 3.61 -6.29 11.89
CA ASP A 233 3.47 -7.59 11.23
C ASP A 233 2.20 -7.72 10.37
N GLU A 234 1.20 -6.88 10.63
CA GLU A 234 -0.03 -6.87 9.84
C GLU A 234 0.20 -6.36 8.40
N ALA A 235 1.32 -5.66 8.18
CA ALA A 235 1.71 -5.22 6.84
C ALA A 235 2.64 -6.22 6.13
N SER A 236 2.60 -7.49 6.54
CA SER A 236 3.48 -8.54 6.02
C SER A 236 3.38 -8.75 4.50
N TRP A 237 2.19 -8.49 3.95
CA TRP A 237 1.97 -8.59 2.50
C TRP A 237 2.54 -7.40 1.71
N ILE A 238 3.05 -6.40 2.42
CA ILE A 238 3.44 -5.13 1.80
C ILE A 238 4.95 -4.91 1.82
N THR A 239 5.57 -4.97 0.65
CA THR A 239 6.94 -4.52 0.47
C THR A 239 7.14 -4.00 -0.94
N GLY A 240 8.01 -3.00 -1.07
CA GLY A 240 8.26 -2.38 -2.37
C GLY A 240 7.14 -1.47 -2.86
N GLN A 241 6.29 -0.99 -1.95
CA GLN A 241 5.14 -0.18 -2.34
C GLN A 241 5.29 1.28 -1.88
N ILE A 242 4.65 2.19 -2.62
CA ILE A 242 4.64 3.62 -2.30
C ILE A 242 3.24 4.07 -1.92
N PHE A 243 3.10 4.66 -0.74
CA PHE A 243 1.81 5.13 -0.26
C PHE A 243 1.70 6.65 -0.37
N ASN A 244 0.76 7.12 -1.20
CA ASN A 244 0.51 8.54 -1.33
C ASN A 244 -0.44 8.99 -0.24
N VAL A 245 0.04 9.92 0.60
CA VAL A 245 -0.71 10.41 1.75
C VAL A 245 -1.18 11.84 1.51
N MET B 5 -13.54 -18.90 6.54
CA MET B 5 -12.83 -18.38 7.75
C MET B 5 -12.79 -16.84 7.81
N ARG B 6 -11.93 -16.23 6.98
CA ARG B 6 -11.59 -14.82 7.10
C ARG B 6 -12.71 -13.88 6.62
N PHE B 7 -13.42 -14.29 5.58
CA PHE B 7 -14.51 -13.49 5.02
C PHE B 7 -15.89 -14.09 5.28
N GLU B 8 -16.03 -14.77 6.42
CA GLU B 8 -17.32 -15.30 6.84
C GLU B 8 -18.33 -14.16 6.97
N ASN B 9 -19.55 -14.42 6.49
CA ASN B 9 -20.66 -13.47 6.55
C ASN B 9 -20.48 -12.25 5.64
N LYS B 10 -19.52 -12.31 4.73
CA LYS B 10 -19.29 -11.22 3.77
C LYS B 10 -19.81 -11.61 2.41
N VAL B 11 -20.16 -10.60 1.62
CA VAL B 11 -20.64 -10.78 0.25
C VAL B 11 -19.73 -10.02 -0.71
N GLY B 12 -19.18 -10.72 -1.69
CA GLY B 12 -18.28 -10.11 -2.67
C GLY B 12 -18.67 -10.37 -4.11
N ILE B 13 -18.54 -9.36 -4.96
CA ILE B 13 -18.72 -9.50 -6.39
C ILE B 13 -17.36 -9.46 -7.07
N VAL B 14 -17.10 -10.42 -7.97
CA VAL B 14 -15.90 -10.39 -8.83
C VAL B 14 -16.31 -10.36 -10.30
N THR B 15 -15.97 -9.29 -11.01
CA THR B 15 -16.25 -9.20 -12.45
C THR B 15 -15.12 -9.84 -13.22
N GLY B 16 -15.42 -10.32 -14.42
CA GLY B 16 -14.45 -11.02 -15.26
C GLY B 16 -13.93 -12.31 -14.62
N SER B 17 -14.80 -13.02 -13.89
CA SER B 17 -14.39 -14.21 -13.14
C SER B 17 -14.82 -15.53 -13.81
N GLY B 18 -15.18 -15.45 -15.09
CA GLY B 18 -15.48 -16.63 -15.89
C GLY B 18 -14.22 -17.33 -16.35
N GLY B 19 -13.07 -16.75 -16.05
CA GLY B 19 -11.77 -17.35 -16.37
C GLY B 19 -10.62 -16.54 -15.79
N GLY B 20 -9.40 -17.01 -16.03
CA GLY B 20 -8.19 -16.29 -15.64
C GLY B 20 -8.05 -16.03 -14.15
N ILE B 21 -7.44 -14.89 -13.82
CA ILE B 21 -7.22 -14.50 -12.42
C ILE B 21 -8.53 -14.10 -11.73
N GLY B 22 -9.51 -13.64 -12.51
CA GLY B 22 -10.83 -13.33 -11.94
C GLY B 22 -11.46 -14.54 -11.28
N GLN B 23 -11.42 -15.67 -11.97
CA GLN B 23 -11.87 -16.95 -11.41
C GLN B 23 -11.13 -17.26 -10.11
N ALA B 24 -9.81 -17.05 -10.11
CA ALA B 24 -8.99 -17.33 -8.94
C ALA B 24 -9.38 -16.47 -7.74
N TYR B 25 -9.66 -15.18 -7.97
CA TYR B 25 -10.15 -14.31 -6.89
C TYR B 25 -11.46 -14.81 -6.30
N ALA B 26 -12.41 -15.15 -7.17
CA ALA B 26 -13.73 -15.61 -6.73
C ALA B 26 -13.61 -16.89 -5.92
N GLU B 27 -12.82 -17.83 -6.42
CA GLU B 27 -12.61 -19.10 -5.75
C GLU B 27 -11.92 -18.93 -4.40
N ALA B 28 -11.01 -17.98 -4.30
CA ALA B 28 -10.30 -17.72 -3.05
C ALA B 28 -11.22 -17.09 -2.03
N LEU B 29 -12.05 -16.16 -2.48
CA LEU B 29 -13.03 -15.51 -1.59
C LEU B 29 -14.01 -16.52 -1.01
N ALA B 30 -14.52 -17.40 -1.87
CA ALA B 30 -15.50 -18.41 -1.47
C ALA B 30 -14.91 -19.45 -0.51
N ARG B 31 -13.66 -19.85 -0.75
CA ARG B 31 -13.03 -20.85 0.12
C ARG B 31 -12.71 -20.25 1.51
N GLU B 32 -12.64 -18.92 1.59
CA GLU B 32 -12.45 -18.25 2.89
C GLU B 32 -13.77 -17.78 3.50
N GLY B 33 -14.91 -18.25 2.98
CA GLY B 33 -16.20 -18.05 3.64
C GLY B 33 -17.18 -17.05 3.03
N ALA B 34 -16.74 -16.26 2.05
CA ALA B 34 -17.61 -15.22 1.46
C ALA B 34 -18.65 -15.82 0.53
N ALA B 35 -19.82 -15.19 0.49
CA ALA B 35 -20.79 -15.44 -0.57
C ALA B 35 -20.32 -14.63 -1.78
N VAL B 36 -20.14 -15.30 -2.92
CA VAL B 36 -19.51 -14.70 -4.08
C VAL B 36 -20.44 -14.63 -5.28
N VAL B 37 -20.50 -13.48 -5.93
CA VAL B 37 -21.20 -13.35 -7.21
C VAL B 37 -20.16 -13.39 -8.34
N VAL B 38 -20.17 -14.49 -9.08
CA VAL B 38 -19.30 -14.66 -10.24
C VAL B 38 -19.91 -13.91 -11.41
N ALA B 39 -19.38 -12.73 -11.69
CA ALA B 39 -19.94 -11.87 -12.74
C ALA B 39 -19.03 -11.84 -13.97
N ASP B 40 -19.63 -12.08 -15.14
CA ASP B 40 -18.88 -12.11 -16.40
C ASP B 40 -19.80 -11.79 -17.57
N ILE B 41 -19.22 -11.26 -18.63
CA ILE B 41 -19.93 -11.08 -19.91
C ILE B 41 -20.32 -12.46 -20.47
N ASN B 42 -19.52 -13.47 -20.13
CA ASN B 42 -19.78 -14.83 -20.55
C ASN B 42 -20.61 -15.55 -19.48
N ALA B 43 -21.90 -15.69 -19.74
CA ALA B 43 -22.86 -16.21 -18.76
C ALA B 43 -22.64 -17.69 -18.45
N GLU B 44 -22.30 -18.46 -19.49
CA GLU B 44 -22.06 -19.88 -19.32
C GLU B 44 -20.81 -20.14 -18.47
N ALA B 45 -19.70 -19.47 -18.80
CA ALA B 45 -18.45 -19.64 -18.07
C ALA B 45 -18.60 -19.21 -16.60
N ALA B 46 -19.32 -18.11 -16.38
CA ALA B 46 -19.60 -17.63 -15.03
C ALA B 46 -20.40 -18.67 -14.24
N GLU B 47 -21.45 -19.20 -14.83
CA GLU B 47 -22.27 -20.22 -14.17
C GLU B 47 -21.44 -21.47 -13.88
N ALA B 48 -20.59 -21.87 -14.82
CA ALA B 48 -19.73 -23.04 -14.61
C ALA B 48 -18.79 -22.84 -13.43
N VAL B 49 -18.22 -21.63 -13.31
CA VAL B 49 -17.32 -21.32 -12.19
C VAL B 49 -18.10 -21.25 -10.87
N ALA B 50 -19.31 -20.69 -10.92
CA ALA B 50 -20.18 -20.66 -9.74
C ALA B 50 -20.53 -22.08 -9.28
N LYS B 51 -20.85 -22.95 -10.24
CA LYS B 51 -21.21 -24.34 -9.95
C LYS B 51 -20.07 -25.12 -9.31
N GLN B 52 -18.84 -24.86 -9.73
CA GLN B 52 -17.68 -25.55 -9.18
C GLN B 52 -17.38 -25.07 -7.76
N ILE B 53 -17.50 -23.76 -7.53
CA ILE B 53 -17.36 -23.20 -6.18
C ILE B 53 -18.33 -23.90 -5.22
N VAL B 54 -19.59 -23.97 -5.62
CA VAL B 54 -20.63 -24.61 -4.79
C VAL B 54 -20.38 -26.11 -4.65
N ALA B 55 -19.91 -26.76 -5.71
CA ALA B 55 -19.53 -28.17 -5.66
C ALA B 55 -18.33 -28.41 -4.73
N ASP B 56 -17.45 -27.41 -4.60
CA ASP B 56 -16.29 -27.50 -3.69
C ASP B 56 -16.62 -27.02 -2.27
N GLY B 57 -17.89 -26.73 -1.99
CA GLY B 57 -18.31 -26.36 -0.64
C GLY B 57 -18.26 -24.87 -0.32
N GLY B 58 -18.39 -24.03 -1.34
CA GLY B 58 -18.51 -22.58 -1.16
C GLY B 58 -19.90 -22.10 -1.50
N THR B 59 -20.13 -20.81 -1.32
CA THR B 59 -21.41 -20.19 -1.67
C THR B 59 -21.18 -19.22 -2.81
N ALA B 60 -21.89 -19.43 -3.92
CA ALA B 60 -21.76 -18.55 -5.06
C ALA B 60 -22.93 -18.67 -6.03
N ILE B 61 -23.15 -17.59 -6.78
CA ILE B 61 -24.04 -17.59 -7.93
C ILE B 61 -23.35 -16.89 -9.08
N SER B 62 -23.91 -17.04 -10.28
CA SER B 62 -23.39 -16.35 -11.44
C SER B 62 -24.37 -15.27 -11.86
N VAL B 63 -23.83 -14.23 -12.48
CA VAL B 63 -24.63 -13.18 -13.09
C VAL B 63 -23.93 -12.68 -14.36
N ALA B 64 -24.68 -12.56 -15.45
CA ALA B 64 -24.17 -11.97 -16.67
C ALA B 64 -24.16 -10.45 -16.53
N VAL B 65 -23.03 -9.84 -16.89
CA VAL B 65 -22.88 -8.40 -16.80
C VAL B 65 -22.00 -7.88 -17.94
N ASP B 66 -22.36 -6.71 -18.47
CA ASP B 66 -21.51 -5.97 -19.37
C ASP B 66 -21.06 -4.73 -18.61
N VAL B 67 -19.82 -4.74 -18.12
CA VAL B 67 -19.34 -3.65 -17.28
C VAL B 67 -19.23 -2.29 -18.00
N SER B 68 -19.33 -2.29 -19.34
CA SER B 68 -19.37 -1.05 -20.11
C SER B 68 -20.75 -0.39 -20.11
N ASP B 69 -21.76 -1.13 -19.66
CA ASP B 69 -23.13 -0.61 -19.56
C ASP B 69 -23.48 -0.32 -18.11
N PRO B 70 -23.63 0.96 -17.75
CA PRO B 70 -23.96 1.31 -16.36
C PRO B 70 -25.21 0.61 -15.82
N GLU B 71 -26.21 0.39 -16.66
CA GLU B 71 -27.46 -0.28 -16.26
C GLU B 71 -27.27 -1.78 -16.03
N SER B 72 -26.38 -2.40 -16.79
CA SER B 72 -26.01 -3.80 -16.56
C SER B 72 -25.28 -3.97 -15.22
N ALA B 73 -24.39 -3.03 -14.90
CA ALA B 73 -23.69 -3.03 -13.62
C ALA B 73 -24.64 -2.86 -12.43
N LYS B 74 -25.63 -1.98 -12.60
CA LYS B 74 -26.69 -1.79 -11.58
C LYS B 74 -27.45 -3.09 -11.33
N ALA B 75 -27.88 -3.73 -12.40
CA ALA B 75 -28.63 -4.99 -12.32
C ALA B 75 -27.82 -6.08 -11.63
N MET B 76 -26.52 -6.12 -11.90
CA MET B 76 -25.62 -7.05 -11.22
C MET B 76 -25.66 -6.80 -9.70
N ALA B 77 -25.63 -5.53 -9.31
CA ALA B 77 -25.64 -5.14 -7.90
C ALA B 77 -26.98 -5.43 -7.22
N ASP B 78 -28.08 -5.18 -7.93
CA ASP B 78 -29.43 -5.44 -7.41
C ASP B 78 -29.63 -6.94 -7.17
N ARG B 79 -29.11 -7.75 -8.07
CA ARG B 79 -29.21 -9.20 -7.96
C ARG B 79 -28.44 -9.69 -6.73
N THR B 80 -27.24 -9.15 -6.53
CA THR B 80 -26.42 -9.51 -5.38
C THR B 80 -27.15 -9.20 -4.08
N LEU B 81 -27.71 -7.99 -3.99
CA LEU B 81 -28.44 -7.53 -2.81
C LEU B 81 -29.66 -8.41 -2.54
N ALA B 82 -30.40 -8.73 -3.60
CA ALA B 82 -31.58 -9.60 -3.50
C ALA B 82 -31.20 -11.03 -3.11
N GLU B 83 -30.09 -11.52 -3.63
CA GLU B 83 -29.66 -12.89 -3.35
C GLU B 83 -29.03 -13.04 -1.96
N PHE B 84 -28.12 -12.15 -1.59
CA PHE B 84 -27.34 -12.30 -0.36
C PHE B 84 -27.57 -11.24 0.72
N GLY B 85 -28.46 -10.28 0.47
CA GLY B 85 -28.86 -9.30 1.50
C GLY B 85 -27.94 -8.11 1.70
N GLY B 86 -26.81 -8.06 0.99
CA GLY B 86 -25.89 -6.94 1.08
C GLY B 86 -24.71 -7.06 0.13
N ILE B 87 -23.88 -6.02 0.08
CA ILE B 87 -22.62 -6.07 -0.67
C ILE B 87 -21.50 -5.49 0.17
N ASP B 88 -20.41 -6.25 0.34
CA ASP B 88 -19.26 -5.82 1.11
C ASP B 88 -18.05 -5.51 0.23
N TYR B 89 -17.83 -6.34 -0.78
CA TYR B 89 -16.63 -6.26 -1.61
C TYR B 89 -16.94 -6.26 -3.10
N LEU B 90 -16.12 -5.55 -3.86
CA LEU B 90 -16.15 -5.60 -5.31
C LEU B 90 -14.72 -5.70 -5.83
N VAL B 91 -14.47 -6.71 -6.67
CA VAL B 91 -13.22 -6.79 -7.40
C VAL B 91 -13.51 -6.55 -8.88
N ASN B 92 -13.01 -5.43 -9.41
CA ASN B 92 -13.19 -5.10 -10.81
C ASN B 92 -12.07 -5.75 -11.63
N ASN B 93 -12.37 -6.89 -12.25
CA ASN B 93 -11.39 -7.60 -13.07
C ASN B 93 -11.84 -7.81 -14.54
N ALA B 94 -13.10 -7.50 -14.85
CA ALA B 94 -13.59 -7.59 -16.23
C ALA B 94 -12.64 -6.89 -17.20
N ALA B 95 -12.36 -7.55 -18.32
CA ALA B 95 -11.43 -7.02 -19.32
C ALA B 95 -11.64 -7.70 -20.67
N ILE B 96 -11.41 -6.94 -21.75
CA ILE B 96 -11.45 -7.48 -23.10
C ILE B 96 -10.03 -7.82 -23.53
N PHE B 97 -9.86 -8.98 -24.14
CA PHE B 97 -8.57 -9.39 -24.70
C PHE B 97 -8.19 -8.54 -25.92
N GLY B 98 -7.76 -7.31 -25.67
CA GLY B 98 -7.16 -6.47 -26.71
C GLY B 98 -5.67 -6.39 -26.43
N GLY B 99 -4.86 -6.61 -27.45
CA GLY B 99 -3.41 -6.71 -27.28
C GLY B 99 -2.66 -5.99 -28.36
N MET B 100 -1.96 -6.75 -29.21
CA MET B 100 -1.15 -6.19 -30.29
C MET B 100 -1.99 -5.43 -31.34
N LYS B 101 -3.31 -5.57 -31.31
CA LYS B 101 -4.18 -4.82 -32.22
C LYS B 101 -4.23 -3.33 -31.89
N LEU B 102 -3.86 -2.95 -30.67
CA LEU B 102 -3.72 -1.54 -30.32
C LEU B 102 -2.42 -0.91 -30.85
N ASP B 103 -1.56 -1.71 -31.47
CA ASP B 103 -0.43 -1.19 -32.23
C ASP B 103 -0.84 -0.65 -33.61
N PHE B 104 -2.11 -0.84 -33.98
CA PHE B 104 -2.60 -0.41 -35.29
C PHE B 104 -3.78 0.55 -35.12
N LEU B 105 -3.56 1.61 -34.37
CA LEU B 105 -4.61 2.60 -34.10
C LEU B 105 -5.16 3.24 -35.37
N LEU B 106 -4.34 3.33 -36.43
CA LEU B 106 -4.79 3.92 -37.68
C LEU B 106 -5.83 3.07 -38.41
N THR B 107 -5.86 1.77 -38.13
CA THR B 107 -6.78 0.88 -38.84
C THR B 107 -7.73 0.07 -37.95
N ILE B 108 -7.50 0.06 -36.64
CA ILE B 108 -8.36 -0.66 -35.71
C ILE B 108 -9.82 -0.23 -35.88
N ASP B 109 -10.73 -1.20 -35.77
CA ASP B 109 -12.16 -0.90 -35.90
C ASP B 109 -12.60 0.06 -34.79
N PRO B 110 -13.23 1.19 -35.15
CA PRO B 110 -13.63 2.18 -34.14
C PRO B 110 -14.48 1.61 -33.00
N GLU B 111 -15.51 0.84 -33.34
CA GLU B 111 -16.42 0.32 -32.31
C GLU B 111 -15.71 -0.65 -31.36
N TYR B 112 -14.76 -1.43 -31.87
CA TYR B 112 -13.96 -2.27 -31.00
C TYR B 112 -13.06 -1.42 -30.09
N TYR B 113 -12.44 -0.40 -30.68
CA TYR B 113 -11.55 0.48 -29.93
C TYR B 113 -12.29 1.08 -28.74
N LYS B 114 -13.47 1.63 -29.00
CA LYS B 114 -14.29 2.26 -27.95
C LYS B 114 -14.71 1.26 -26.86
N LYS B 115 -15.15 0.07 -27.28
CA LYS B 115 -15.55 -0.97 -26.35
C LYS B 115 -14.37 -1.39 -25.47
N PHE B 116 -13.21 -1.56 -26.09
CA PHE B 116 -11.99 -1.90 -25.38
C PHE B 116 -11.69 -0.89 -24.27
N MET B 117 -11.68 0.38 -24.61
CA MET B 117 -11.40 1.44 -23.65
C MET B 117 -12.50 1.54 -22.59
N SER B 118 -13.74 1.33 -23.02
CA SER B 118 -14.88 1.43 -22.10
C SER B 118 -14.76 0.35 -21.01
N VAL B 119 -14.66 -0.90 -21.42
CA VAL B 119 -14.52 -1.99 -20.45
C VAL B 119 -13.30 -1.80 -19.55
N ASN B 120 -12.13 -1.62 -20.15
CA ASN B 120 -10.87 -1.59 -19.40
C ASN B 120 -10.65 -0.35 -18.54
N LEU B 121 -11.21 0.80 -18.93
CA LEU B 121 -11.06 2.06 -18.17
C LEU B 121 -12.31 2.46 -17.37
N ASP B 122 -13.49 2.27 -17.96
CA ASP B 122 -14.75 2.70 -17.34
C ASP B 122 -15.49 1.59 -16.59
N GLY B 123 -15.14 0.33 -16.86
CA GLY B 123 -15.77 -0.80 -16.22
C GLY B 123 -15.78 -0.66 -14.71
N ALA B 124 -14.63 -0.32 -14.15
CA ALA B 124 -14.48 -0.15 -12.71
C ALA B 124 -15.32 1.00 -12.17
N LEU B 125 -15.46 2.07 -12.96
CA LEU B 125 -16.29 3.21 -12.58
C LEU B 125 -17.77 2.82 -12.46
N TRP B 126 -18.32 2.19 -13.50
CA TRP B 126 -19.74 1.89 -13.52
C TRP B 126 -20.11 0.88 -12.45
N CYS B 127 -19.24 -0.11 -12.23
CA CYS B 127 -19.46 -1.10 -11.17
C CYS B 127 -19.34 -0.49 -9.76
N THR B 128 -18.39 0.43 -9.57
CA THR B 128 -18.25 1.11 -8.27
C THR B 128 -19.50 1.93 -7.95
N ARG B 129 -19.96 2.69 -8.95
CA ARG B 129 -21.21 3.43 -8.86
C ARG B 129 -22.39 2.52 -8.53
N ALA B 130 -22.38 1.31 -9.06
CA ALA B 130 -23.46 0.35 -8.84
C ALA B 130 -23.51 -0.19 -7.41
N VAL B 131 -22.37 -0.21 -6.70
CA VAL B 131 -22.31 -0.83 -5.37
C VAL B 131 -22.11 0.11 -4.18
N TYR B 132 -21.68 1.35 -4.40
CA TYR B 132 -21.18 2.16 -3.28
C TYR B 132 -22.25 2.57 -2.25
N LYS B 133 -23.48 2.78 -2.70
CA LYS B 133 -24.56 3.11 -1.77
C LYS B 133 -25.00 1.88 -0.96
N LYS B 134 -24.97 0.71 -1.59
CA LYS B 134 -25.23 -0.55 -0.88
C LYS B 134 -24.17 -0.80 0.18
N MET B 135 -22.89 -0.57 -0.17
CA MET B 135 -21.79 -0.73 0.79
C MET B 135 -21.93 0.24 1.96
N THR B 136 -22.38 1.46 1.68
CA THR B 136 -22.58 2.46 2.71
C THR B 136 -23.62 2.01 3.76
N LYS B 137 -24.71 1.39 3.32
CA LYS B 137 -25.71 0.81 4.23
C LYS B 137 -25.16 -0.32 5.10
N ARG B 138 -24.16 -1.04 4.61
CA ARG B 138 -23.52 -2.12 5.36
C ARG B 138 -22.51 -1.61 6.38
N GLY B 139 -22.18 -0.32 6.32
CA GLY B 139 -21.21 0.28 7.22
C GLY B 139 -19.82 0.34 6.61
N GLY B 140 -19.74 0.19 5.29
CA GLY B 140 -18.47 0.27 4.58
C GLY B 140 -18.28 -0.85 3.58
N GLY B 141 -17.07 -0.89 3.01
CA GLY B 141 -16.75 -1.88 1.99
C GLY B 141 -15.35 -1.71 1.46
N ALA B 142 -14.96 -2.62 0.57
CA ALA B 142 -13.64 -2.55 -0.05
C ALA B 142 -13.74 -2.92 -1.52
N ILE B 143 -12.99 -2.21 -2.34
CA ILE B 143 -12.98 -2.40 -3.78
C ILE B 143 -11.54 -2.56 -4.24
N VAL B 144 -11.32 -3.52 -5.15
CA VAL B 144 -10.01 -3.70 -5.77
C VAL B 144 -10.17 -3.62 -7.28
N ASN B 145 -9.37 -2.75 -7.90
CA ASN B 145 -9.36 -2.60 -9.36
C ASN B 145 -8.11 -3.25 -9.94
N GLN B 146 -8.27 -4.14 -10.91
CA GLN B 146 -7.13 -4.71 -11.63
C GLN B 146 -6.68 -3.76 -12.73
N SER B 147 -5.49 -3.18 -12.58
CA SER B 147 -4.90 -2.37 -13.62
C SER B 147 -4.24 -3.27 -14.66
N VAL B 163 -1.35 2.31 -16.08
CA VAL B 163 -2.31 3.13 -16.82
C VAL B 163 -3.00 4.17 -15.91
N GLY B 164 -3.78 5.06 -16.53
CA GLY B 164 -4.53 6.09 -15.82
C GLY B 164 -5.68 5.60 -14.97
N ILE B 165 -6.03 4.31 -15.10
CA ILE B 165 -6.98 3.69 -14.17
C ILE B 165 -6.47 3.75 -12.72
N ASN B 166 -5.21 4.15 -12.55
CA ASN B 166 -4.66 4.53 -11.26
C ASN B 166 -5.24 5.86 -10.79
N GLY B 167 -5.35 6.81 -11.72
CA GLY B 167 -5.95 8.10 -11.44
C GLY B 167 -7.42 7.97 -11.08
N LEU B 168 -8.12 7.08 -11.77
CA LEU B 168 -9.51 6.77 -11.42
C LEU B 168 -9.60 6.27 -9.98
N THR B 169 -8.70 5.38 -9.60
CA THR B 169 -8.68 4.83 -8.25
C THR B 169 -8.44 5.92 -7.20
N GLN B 170 -7.49 6.82 -7.48
CA GLN B 170 -7.22 7.94 -6.57
C GLN B 170 -8.45 8.85 -6.43
N GLN B 171 -9.05 9.19 -7.57
CA GLN B 171 -10.24 10.05 -7.59
C GLN B 171 -11.42 9.42 -6.85
N LEU B 172 -11.75 8.18 -7.19
CA LEU B 172 -12.87 7.49 -6.55
C LEU B 172 -12.66 7.36 -5.04
N SER B 173 -11.43 7.11 -4.63
CA SER B 173 -11.09 7.02 -3.21
C SER B 173 -11.44 8.31 -2.46
N ARG B 174 -11.18 9.46 -3.09
CA ARG B 174 -11.52 10.75 -2.49
C ARG B 174 -13.04 10.98 -2.48
N GLU B 175 -13.71 10.56 -3.55
CA GLU B 175 -15.16 10.74 -3.68
C GLU B 175 -15.93 9.83 -2.73
N LEU B 176 -15.35 8.67 -2.42
CA LEU B 176 -15.98 7.70 -1.53
C LEU B 176 -15.72 7.97 -0.04
N GLY B 177 -15.06 9.09 0.29
CA GLY B 177 -14.71 9.42 1.67
C GLY B 177 -15.90 9.63 2.58
N GLY B 178 -15.73 9.26 3.85
CA GLY B 178 -16.79 9.39 4.85
C GLY B 178 -17.80 8.25 4.83
N ARG B 179 -17.53 7.25 4.01
CA ARG B 179 -18.42 6.09 3.87
C ARG B 179 -17.77 4.80 4.38
N ASN B 180 -16.52 4.91 4.87
CA ASN B 180 -15.73 3.75 5.24
C ASN B 180 -15.63 2.72 4.10
N ILE B 181 -15.52 3.23 2.88
CA ILE B 181 -15.30 2.39 1.71
C ILE B 181 -13.90 2.65 1.20
N ARG B 182 -13.12 1.57 1.05
CA ARG B 182 -11.76 1.68 0.54
C ARG B 182 -11.72 1.21 -0.90
N ILE B 183 -10.90 1.88 -1.71
CA ILE B 183 -10.68 1.45 -3.08
C ILE B 183 -9.19 1.56 -3.46
N ASN B 184 -8.64 0.46 -3.95
CA ASN B 184 -7.24 0.38 -4.33
C ASN B 184 -7.08 -0.38 -5.64
N ALA B 185 -5.90 -0.27 -6.23
CA ALA B 185 -5.60 -0.93 -7.49
C ALA B 185 -4.42 -1.87 -7.38
N ILE B 186 -4.46 -2.95 -8.16
CA ILE B 186 -3.34 -3.86 -8.31
C ILE B 186 -2.90 -3.84 -9.77
N ALA B 187 -1.62 -3.59 -9.98
CA ALA B 187 -1.02 -3.62 -11.31
C ALA B 187 -0.20 -4.91 -11.44
N PRO B 188 -0.77 -5.90 -12.11
CA PRO B 188 -0.10 -7.18 -12.34
C PRO B 188 0.98 -7.04 -13.41
N PRO B 220 0.60 -15.32 -9.32
CA PRO B 220 -0.79 -15.76 -9.36
C PRO B 220 -1.37 -15.90 -7.94
N ASP B 221 -0.73 -16.71 -7.12
CA ASP B 221 -1.06 -16.80 -5.69
C ASP B 221 -0.61 -15.51 -4.99
N ASP B 222 0.40 -14.85 -5.55
CA ASP B 222 0.83 -13.53 -5.11
C ASP B 222 -0.29 -12.53 -5.29
N LEU B 223 -0.89 -12.54 -6.48
CA LEU B 223 -2.01 -11.63 -6.80
C LEU B 223 -3.23 -11.91 -5.93
N VAL B 224 -3.62 -13.18 -5.85
CA VAL B 224 -4.76 -13.60 -5.03
C VAL B 224 -4.58 -13.16 -3.58
N GLY B 225 -3.40 -13.42 -3.03
CA GLY B 225 -3.08 -12.99 -1.67
C GLY B 225 -3.21 -11.49 -1.47
N MET B 226 -2.57 -10.71 -2.34
CA MET B 226 -2.66 -9.25 -2.26
C MET B 226 -4.11 -8.77 -2.35
N CYS B 227 -4.88 -9.32 -3.29
CA CYS B 227 -6.27 -8.92 -3.49
C CYS B 227 -7.11 -9.13 -2.22
N LEU B 228 -7.07 -10.34 -1.67
CA LEU B 228 -7.80 -10.64 -0.44
C LEU B 228 -7.32 -9.77 0.73
N PHE B 229 -6.01 -9.52 0.82
CA PHE B 229 -5.50 -8.63 1.86
C PHE B 229 -6.12 -7.24 1.74
N LEU B 230 -6.13 -6.70 0.52
CA LEU B 230 -6.67 -5.36 0.27
C LEU B 230 -8.17 -5.22 0.59
N LEU B 231 -8.90 -6.34 0.54
CA LEU B 231 -10.31 -6.37 0.95
C LEU B 231 -10.48 -6.53 2.47
N SER B 232 -9.51 -7.13 3.14
CA SER B 232 -9.62 -7.44 4.57
C SER B 232 -9.57 -6.21 5.46
N ASP B 233 -10.00 -6.38 6.71
CA ASP B 233 -9.94 -5.32 7.73
C ASP B 233 -8.50 -4.95 8.09
N GLU B 234 -7.55 -5.82 7.77
CA GLU B 234 -6.14 -5.58 8.01
C GLU B 234 -5.62 -4.42 7.14
N ALA B 235 -6.28 -4.22 5.99
CA ALA B 235 -5.93 -3.15 5.05
C ALA B 235 -6.71 -1.85 5.31
N SER B 236 -7.17 -1.67 6.55
CA SER B 236 -7.97 -0.50 6.93
C SER B 236 -7.27 0.84 6.72
N TRP B 237 -5.94 0.84 6.77
CA TRP B 237 -5.14 2.05 6.55
C TRP B 237 -4.92 2.41 5.08
N ILE B 238 -5.48 1.62 4.16
CA ILE B 238 -5.10 1.69 2.75
C ILE B 238 -6.29 1.99 1.83
N THR B 239 -6.27 3.19 1.23
CA THR B 239 -7.22 3.53 0.18
C THR B 239 -6.58 4.51 -0.77
N GLY B 240 -6.95 4.43 -2.05
CA GLY B 240 -6.43 5.33 -3.07
C GLY B 240 -4.99 5.05 -3.43
N GLN B 241 -4.57 3.79 -3.30
CA GLN B 241 -3.19 3.39 -3.56
C GLN B 241 -3.13 2.39 -4.72
N ILE B 242 -1.97 2.35 -5.38
CA ILE B 242 -1.73 1.39 -6.46
C ILE B 242 -0.58 0.48 -6.07
N PHE B 243 -0.85 -0.83 -6.07
CA PHE B 243 0.12 -1.83 -5.68
C PHE B 243 0.69 -2.53 -6.90
N ASN B 244 2.01 -2.65 -6.94
CA ASN B 244 2.70 -3.40 -7.99
C ASN B 244 3.10 -4.77 -7.44
N VAL B 245 2.52 -5.84 -7.98
CA VAL B 245 2.75 -7.19 -7.49
C VAL B 245 3.67 -7.99 -8.42
#